data_4PRW
#
_entry.id   4PRW
#
_cell.length_a   121.800
_cell.length_b   61.670
_cell.length_c   89.350
_cell.angle_alpha   90.00
_cell.angle_beta   119.38
_cell.angle_gamma   90.00
#
_symmetry.space_group_name_H-M   'C 1 2 1'
#
loop_
_entity.id
_entity.type
_entity.pdbx_description
1 polymer Endo-1,4-beta-xylanase
2 branched beta-D-xylopyranose-(1-4)-beta-D-xylopyranose-(1-4)-beta-D-xylopyranose-(1-4)-beta-D-xylopyranose-(1-4)-beta-D-xylopyranose-(1-4)-beta-D-xylopyranose
3 non-polymer 'ZINC ION'
4 non-polymer 'SULFATE ION'
5 non-polymer 'CHLORIDE ION'
6 water water
#
_entity_poly.entity_id   1
_entity_poly.type   'polypeptide(L)'
_entity_poly.pdbx_seq_one_letter_code
;KNADSYAKKPHISALNAPQLDQRYKNEFTIGAAVEPYQLQNEKDVQMLKRHFNSIVAENVMKPISIQPEEGKFNFEQADR
IVKFAKANGMDIRFHTLVWHSQVPQWFFLDKEGKPMVNETDPVKREQNKQLLLKRLETHIKTIVERYKDDIKYWDVVNQV
VGDDGKLRNSPWYQIAGIDYIKVAFQAARKYGGDNIKLYMNDYNTEVEPKRTALYNLVKQLKEEGVPIDGIGHQSHIQIG
WPSEAEIEKTINMFAALGLDNQITELDVSMYGWPPRAYPTYDAIPKQKFLDQAARYDRLFKLYEKLSDKISNVTFWGIAD
NHTWLDSRADVYYDANGNVVVDPNAPYAKVEKGKGKDAPFVFGPDYKVKPAYWAIIDHK
;
_entity_poly.pdbx_strand_id   A
#
loop_
_chem_comp.id
_chem_comp.type
_chem_comp.name
_chem_comp.formula
CL non-polymer 'CHLORIDE ION' 'Cl -1'
SO4 non-polymer 'SULFATE ION' 'O4 S -2'
XYP D-saccharide, beta linking beta-D-xylopyranose 'C5 H10 O5'
ZN non-polymer 'ZINC ION' 'Zn 2'
#
# COMPACT_ATOMS: atom_id res chain seq x y z
N LYS A 9 1.47 -9.23 -29.59
CA LYS A 9 0.26 -8.63 -29.05
C LYS A 9 0.49 -7.13 -28.97
N PRO A 10 -0.43 -6.35 -29.48
CA PRO A 10 -0.06 -4.98 -29.82
C PRO A 10 -0.09 -4.01 -28.60
N HIS A 11 0.58 -2.91 -28.75
CA HIS A 11 0.64 -1.84 -27.73
C HIS A 11 -0.53 -0.93 -28.02
N ILE A 12 -1.75 -1.40 -27.76
CA ILE A 12 -2.93 -0.63 -28.01
C ILE A 12 -3.29 0.26 -26.82
N SER A 13 -4.12 1.24 -27.06
CA SER A 13 -4.66 2.08 -26.01
C SER A 13 -5.37 1.18 -24.98
N ALA A 14 -5.06 1.39 -23.69
CA ALA A 14 -5.73 0.63 -22.66
C ALA A 14 -7.21 0.98 -22.59
N LEU A 15 -7.48 2.23 -23.00
N LEU A 15 -7.69 2.01 -23.27
CA LEU A 15 -8.77 2.85 -22.75
CA LEU A 15 -9.17 2.20 -23.26
C LEU A 15 -9.91 2.02 -23.40
C LEU A 15 -9.86 1.46 -24.37
N ASN A 16 -9.55 1.13 -24.32
N ASN A 16 -9.06 0.80 -25.17
CA ASN A 16 -10.50 0.17 -24.95
CA ASN A 16 -9.53 -0.09 -26.18
C ASN A 16 -10.01 -1.31 -25.14
C ASN A 16 -9.27 -1.51 -25.75
N ALA A 17 -8.89 -1.68 -24.47
CA ALA A 17 -8.46 -3.02 -24.21
C ALA A 17 -9.44 -3.79 -23.31
N PRO A 18 -9.43 -5.10 -23.43
CA PRO A 18 -10.29 -5.86 -22.50
C PRO A 18 -10.03 -5.46 -20.99
N GLN A 19 -11.10 -5.41 -20.22
CA GLN A 19 -11.12 -4.85 -18.87
C GLN A 19 -10.50 -5.79 -17.88
N LEU A 20 -9.50 -5.30 -17.19
CA LEU A 20 -8.76 -6.10 -16.23
C LEU A 20 -9.61 -6.64 -15.08
N ASP A 21 -10.38 -5.74 -14.41
CA ASP A 21 -11.30 -6.19 -13.39
C ASP A 21 -12.29 -7.34 -13.78
N GLN A 22 -12.80 -7.29 -15.01
CA GLN A 22 -13.69 -8.30 -15.57
C GLN A 22 -13.03 -9.65 -15.76
N ARG A 23 -11.77 -9.64 -16.17
CA ARG A 23 -10.89 -10.87 -16.21
C ARG A 23 -10.81 -11.58 -14.92
N TYR A 24 -10.73 -10.80 -13.81
CA TYR A 24 -10.57 -11.34 -12.50
C TYR A 24 -11.78 -11.29 -11.55
N LYS A 25 -12.93 -10.97 -12.07
CA LYS A 25 -14.10 -10.63 -11.21
C LYS A 25 -14.56 -11.75 -10.32
N ASN A 26 -14.32 -13.05 -10.64
CA ASN A 26 -14.68 -14.10 -9.70
C ASN A 26 -13.57 -14.55 -8.81
N GLU A 27 -12.36 -14.03 -9.06
CA GLU A 27 -11.20 -14.41 -8.30
C GLU A 27 -10.88 -13.35 -7.14
N PHE A 28 -10.88 -12.07 -7.48
CA PHE A 28 -10.64 -10.96 -6.53
C PHE A 28 -10.92 -9.62 -7.25
N THR A 29 -11.14 -8.55 -6.50
CA THR A 29 -11.23 -7.25 -7.12
C THR A 29 -9.83 -6.86 -7.58
N ILE A 30 -9.82 -5.86 -8.42
CA ILE A 30 -8.65 -5.27 -8.98
C ILE A 30 -8.72 -3.79 -8.68
N GLY A 31 -7.73 -3.33 -7.96
CA GLY A 31 -7.75 -1.97 -7.46
C GLY A 31 -6.63 -1.07 -7.94
N ALA A 32 -6.81 0.28 -7.79
CA ALA A 32 -5.77 1.26 -8.04
C ALA A 32 -5.68 2.28 -6.91
N ALA A 33 -4.48 2.72 -6.55
CA ALA A 33 -4.20 3.85 -5.61
C ALA A 33 -4.20 5.13 -6.41
N VAL A 34 -4.91 6.14 -5.88
CA VAL A 34 -5.12 7.35 -6.61
C VAL A 34 -4.82 8.63 -5.75
N GLU A 35 -4.56 9.72 -6.47
CA GLU A 35 -4.55 11.06 -5.93
C GLU A 35 -5.76 11.79 -6.48
N PRO A 36 -6.26 12.75 -5.71
CA PRO A 36 -7.48 13.42 -6.16
C PRO A 36 -7.29 14.10 -7.50
N TYR A 37 -6.11 14.59 -7.84
CA TYR A 37 -5.94 15.31 -9.12
C TYR A 37 -6.26 14.36 -10.29
N GLN A 38 -6.04 13.07 -10.07
CA GLN A 38 -6.30 12.06 -11.10
C GLN A 38 -7.75 11.91 -11.41
N LEU A 39 -8.64 12.32 -10.49
CA LEU A 39 -10.07 12.28 -10.82
C LEU A 39 -10.53 13.46 -11.68
N GLN A 40 -9.59 14.37 -11.96
N GLN A 40 -9.67 14.41 -11.95
CA GLN A 40 -9.73 15.50 -12.89
CA GLN A 40 -10.05 15.53 -12.80
C GLN A 40 -8.83 15.40 -14.14
C GLN A 40 -9.51 15.38 -14.21
N ASN A 41 -8.24 14.24 -14.34
N ASN A 41 -8.91 14.24 -14.47
CA ASN A 41 -7.41 13.89 -15.54
CA ASN A 41 -8.13 14.03 -15.69
C ASN A 41 -8.27 12.94 -16.39
C ASN A 41 -8.94 13.01 -16.49
N GLU A 42 -8.62 13.32 -17.62
N GLU A 42 -9.25 13.31 -17.75
CA GLU A 42 -9.64 12.57 -18.40
CA GLU A 42 -10.00 12.34 -18.54
C GLU A 42 -9.29 11.09 -18.60
C GLU A 42 -9.33 10.96 -18.64
N LYS A 43 -8.02 10.85 -18.92
CA LYS A 43 -7.46 9.52 -19.11
C LYS A 43 -7.49 8.67 -17.86
N ASP A 44 -7.12 9.27 -16.73
CA ASP A 44 -7.10 8.54 -15.47
C ASP A 44 -8.47 8.11 -15.12
N VAL A 45 -9.43 9.03 -15.23
CA VAL A 45 -10.79 8.68 -15.00
C VAL A 45 -11.31 7.49 -15.87
N GLN A 46 -11.12 7.57 -17.19
N GLN A 46 -11.07 7.59 -17.19
CA GLN A 46 -11.51 6.48 -18.08
CA GLN A 46 -11.34 6.52 -18.17
C GLN A 46 -10.76 5.15 -17.77
C GLN A 46 -10.75 5.17 -17.74
N MET A 47 -9.51 5.22 -17.32
CA MET A 47 -8.80 4.03 -16.83
C MET A 47 -9.49 3.40 -15.61
N LEU A 48 -9.83 4.22 -14.60
CA LEU A 48 -10.50 3.74 -13.42
C LEU A 48 -11.82 3.11 -13.76
N LYS A 49 -12.60 3.77 -14.58
CA LYS A 49 -13.87 3.22 -15.06
C LYS A 49 -13.77 1.96 -15.86
N ARG A 50 -12.75 1.88 -16.64
CA ARG A 50 -12.58 0.71 -17.50
C ARG A 50 -12.07 -0.53 -16.82
N HIS A 51 -10.99 -0.39 -15.99
CA HIS A 51 -10.24 -1.52 -15.52
C HIS A 51 -10.29 -1.90 -14.11
N PHE A 52 -10.78 -0.99 -13.23
CA PHE A 52 -10.64 -1.17 -11.84
C PHE A 52 -12.04 -1.19 -11.13
N ASN A 53 -12.18 -2.03 -10.11
CA ASN A 53 -13.43 -2.06 -9.30
C ASN A 53 -13.16 -1.90 -7.78
N SER A 54 -12.00 -1.38 -7.44
CA SER A 54 -11.61 -1.04 -6.08
C SER A 54 -10.67 0.13 -6.14
N ILE A 55 -10.69 0.95 -5.09
CA ILE A 55 -9.86 2.17 -5.08
C ILE A 55 -9.36 2.42 -3.64
N VAL A 56 -8.20 3.07 -3.55
CA VAL A 56 -7.57 3.44 -2.29
C VAL A 56 -6.87 4.77 -2.54
N ALA A 57 -6.76 5.60 -1.47
CA ALA A 57 -6.00 6.86 -1.59
C ALA A 57 -4.53 6.61 -1.38
N GLU A 58 -3.69 7.03 -2.32
CA GLU A 58 -2.28 6.90 -2.07
C GLU A 58 -1.79 7.68 -0.83
N ASN A 59 -2.31 8.89 -0.63
CA ASN A 59 -1.86 9.75 0.44
C ASN A 59 -2.91 10.46 1.25
N VAL A 60 -4.06 10.79 0.68
CA VAL A 60 -4.93 11.77 1.32
C VAL A 60 -5.80 11.22 2.46
N MET A 61 -5.67 9.93 2.75
CA MET A 61 -6.25 9.36 3.94
C MET A 61 -5.31 9.02 5.03
N LYS A 62 -4.03 9.37 4.89
CA LYS A 62 -3.09 9.20 5.96
C LYS A 62 -3.35 10.13 7.14
N PRO A 63 -2.79 9.79 8.31
CA PRO A 63 -3.04 10.61 9.53
C PRO A 63 -2.76 12.07 9.37
N ILE A 64 -1.60 12.42 8.84
CA ILE A 64 -1.28 13.81 8.61
C ILE A 64 -2.17 14.54 7.61
N SER A 65 -2.78 13.85 6.60
CA SER A 65 -3.72 14.50 5.72
C SER A 65 -5.12 14.73 6.33
N ILE A 66 -5.55 13.81 7.19
CA ILE A 66 -6.88 13.81 7.77
C ILE A 66 -6.91 14.74 8.98
N GLN A 67 -5.95 14.62 9.88
CA GLN A 67 -5.95 15.49 11.11
C GLN A 67 -4.59 16.14 11.34
N PRO A 68 -4.23 17.14 10.53
CA PRO A 68 -2.86 17.69 10.60
C PRO A 68 -2.56 18.49 11.90
N GLU A 69 -3.62 18.99 12.53
CA GLU A 69 -3.53 19.63 13.87
C GLU A 69 -4.72 19.04 14.65
N GLU A 70 -4.60 18.88 15.94
CA GLU A 70 -5.66 18.28 16.74
C GLU A 70 -6.94 19.06 16.64
N GLY A 71 -8.02 18.35 16.31
CA GLY A 71 -9.31 18.98 16.03
C GLY A 71 -9.57 19.55 14.68
N LYS A 72 -8.57 19.51 13.77
CA LYS A 72 -8.77 20.07 12.48
C LYS A 72 -8.78 18.85 11.53
N PHE A 73 -9.94 18.50 11.02
CA PHE A 73 -10.13 17.37 10.16
C PHE A 73 -10.33 17.85 8.74
N ASN A 74 -9.48 17.44 7.80
N ASN A 74 -9.51 17.36 7.81
CA ASN A 74 -9.76 17.59 6.40
CA ASN A 74 -9.66 17.71 6.40
C ASN A 74 -10.19 16.32 5.73
C ASN A 74 -10.14 16.49 5.57
N PHE A 75 -11.45 16.25 5.47
CA PHE A 75 -12.00 15.13 4.72
C PHE A 75 -12.29 15.48 3.24
N GLU A 76 -12.03 16.69 2.82
CA GLU A 76 -12.44 17.10 1.50
C GLU A 76 -11.84 16.23 0.38
N GLN A 77 -10.56 15.95 0.49
CA GLN A 77 -9.89 15.17 -0.54
C GLN A 77 -10.34 13.70 -0.48
N ALA A 78 -10.41 13.13 0.72
CA ALA A 78 -10.90 11.80 0.97
C ALA A 78 -12.31 11.67 0.44
N ASP A 79 -13.15 12.65 0.71
CA ASP A 79 -14.53 12.63 0.26
C ASP A 79 -14.65 12.51 -1.28
N ARG A 80 -13.75 13.13 -2.02
CA ARG A 80 -13.80 13.10 -3.48
C ARG A 80 -13.58 11.68 -4.00
N ILE A 81 -12.66 10.96 -3.37
CA ILE A 81 -12.34 9.56 -3.76
C ILE A 81 -13.54 8.69 -3.46
N VAL A 82 -14.12 8.88 -2.27
CA VAL A 82 -15.31 8.15 -1.87
C VAL A 82 -16.50 8.39 -2.80
N LYS A 83 -16.71 9.64 -3.19
CA LYS A 83 -17.79 10.04 -4.05
C LYS A 83 -17.60 9.33 -5.45
N PHE A 84 -16.41 9.44 -5.97
CA PHE A 84 -16.08 8.74 -7.23
C PHE A 84 -16.30 7.24 -7.18
N ALA A 85 -15.81 6.59 -6.12
CA ALA A 85 -15.98 5.17 -5.97
C ALA A 85 -17.44 4.82 -5.96
N LYS A 86 -18.23 5.58 -5.21
CA LYS A 86 -19.67 5.28 -5.15
C LYS A 86 -20.36 5.41 -6.51
N ALA A 87 -20.09 6.47 -7.23
CA ALA A 87 -20.70 6.73 -8.51
C ALA A 87 -20.31 5.63 -9.49
N ASN A 88 -19.19 4.94 -9.26
CA ASN A 88 -18.71 3.93 -10.21
C ASN A 88 -18.69 2.54 -9.70
N GLY A 89 -19.33 2.29 -8.58
CA GLY A 89 -19.56 0.97 -8.02
C GLY A 89 -18.27 0.31 -7.57
N MET A 90 -17.29 1.10 -7.13
CA MET A 90 -16.02 0.52 -6.68
C MET A 90 -15.99 0.25 -5.17
N ASP A 91 -15.36 -0.83 -4.75
CA ASP A 91 -14.99 -0.98 -3.39
C ASP A 91 -13.98 0.12 -2.97
N ILE A 92 -13.93 0.43 -1.68
CA ILE A 92 -12.95 1.38 -1.16
C ILE A 92 -12.11 0.77 -0.04
N ARG A 93 -10.80 1.02 -0.05
CA ARG A 93 -9.96 0.73 1.10
C ARG A 93 -9.50 2.04 1.75
N PHE A 94 -9.45 2.03 3.05
CA PHE A 94 -8.91 3.14 3.78
C PHE A 94 -7.45 2.91 4.17
N HIS A 95 -6.57 3.76 3.64
CA HIS A 95 -5.16 3.75 3.92
C HIS A 95 -4.77 5.09 4.52
N THR A 96 -4.46 5.15 5.83
CA THR A 96 -4.42 4.10 6.83
C THR A 96 -4.68 4.85 8.18
N LEU A 97 -5.22 4.18 9.17
CA LEU A 97 -5.56 4.86 10.44
C LEU A 97 -4.38 5.20 11.26
N VAL A 98 -3.33 4.35 11.26
CA VAL A 98 -2.15 4.48 12.12
C VAL A 98 -0.88 4.06 11.38
N TRP A 99 0.10 4.95 11.41
CA TRP A 99 1.41 4.75 10.78
C TRP A 99 2.49 5.57 11.48
N HIS A 100 3.76 5.21 11.32
CA HIS A 100 4.83 5.96 11.94
C HIS A 100 5.39 7.02 11.05
N SER A 101 4.89 7.09 9.83
CA SER A 101 5.25 8.12 8.88
C SER A 101 3.98 8.84 8.41
N GLN A 102 4.12 10.01 7.80
CA GLN A 102 2.98 10.82 7.40
C GLN A 102 1.90 10.88 8.54
N VAL A 103 2.43 11.17 9.71
CA VAL A 103 1.69 11.29 10.95
C VAL A 103 2.08 12.57 11.70
N PRO A 104 1.09 13.28 12.15
CA PRO A 104 1.30 14.59 12.75
C PRO A 104 1.99 14.50 14.10
N GLN A 105 2.91 15.41 14.24
CA GLN A 105 3.82 15.46 15.31
C GLN A 105 3.08 15.68 16.65
N TRP A 106 1.99 16.42 16.59
CA TRP A 106 1.14 16.78 17.80
C TRP A 106 0.66 15.59 18.61
N PHE A 107 0.41 14.43 17.98
CA PHE A 107 0.01 13.24 18.73
C PHE A 107 0.96 12.91 19.87
N PHE A 108 2.23 13.13 19.64
CA PHE A 108 3.28 12.55 20.56
C PHE A 108 3.90 13.60 21.49
N LEU A 109 3.28 14.78 21.55
CA LEU A 109 3.62 15.87 22.55
C LEU A 109 2.83 15.76 23.83
N ASP A 110 3.52 15.91 24.97
CA ASP A 110 2.83 15.90 26.26
C ASP A 110 2.13 17.24 26.45
N LYS A 111 1.50 17.37 27.60
CA LYS A 111 0.70 18.56 27.89
C LYS A 111 1.49 19.84 27.98
N GLU A 112 2.80 19.77 28.15
CA GLU A 112 3.64 20.97 28.11
C GLU A 112 4.29 21.13 26.78
N GLY A 113 3.86 20.37 25.77
CA GLY A 113 4.51 20.45 24.48
C GLY A 113 5.87 19.79 24.33
N LYS A 114 6.33 19.00 25.29
CA LYS A 114 7.60 18.29 25.17
C LYS A 114 7.36 16.95 24.47
N PRO A 115 8.34 16.45 23.74
CA PRO A 115 8.15 15.06 23.24
C PRO A 115 7.94 14.06 24.36
N MET A 116 6.90 13.24 24.25
CA MET A 116 6.63 12.20 25.20
C MET A 116 7.71 11.11 25.28
N VAL A 117 8.43 10.89 24.17
CA VAL A 117 9.44 9.85 24.16
C VAL A 117 10.59 10.19 25.14
N ASN A 118 10.83 11.47 25.41
CA ASN A 118 11.80 11.95 26.43
C ASN A 118 11.43 11.65 27.91
N GLU A 119 10.16 11.60 28.24
CA GLU A 119 9.75 11.51 29.61
C GLU A 119 10.40 10.31 30.30
N THR A 120 10.98 10.57 31.48
CA THR A 120 11.69 9.58 32.33
C THR A 120 10.81 9.11 33.50
N ASP A 121 9.96 9.99 34.00
CA ASP A 121 9.18 9.67 35.18
C ASP A 121 8.11 8.67 34.78
N PRO A 122 8.09 7.49 35.42
CA PRO A 122 7.06 6.44 35.16
C PRO A 122 5.57 6.79 35.32
N VAL A 123 5.18 7.61 36.28
CA VAL A 123 3.76 7.98 36.41
C VAL A 123 3.39 8.92 35.25
N LYS A 124 4.33 9.74 34.81
CA LYS A 124 4.10 10.66 33.73
C LYS A 124 4.08 9.90 32.41
N ARG A 125 4.95 8.90 32.29
CA ARG A 125 4.96 8.03 31.13
C ARG A 125 3.62 7.33 31.00
N GLU A 126 3.03 6.90 32.11
CA GLU A 126 1.80 6.20 32.03
C GLU A 126 0.69 7.20 31.67
N GLN A 127 0.80 8.41 32.14
CA GLN A 127 -0.19 9.41 31.78
C GLN A 127 -0.12 9.71 30.27
N ASN A 128 1.08 9.76 29.74
CA ASN A 128 1.28 10.05 28.34
C ASN A 128 0.71 8.90 27.50
N LYS A 129 0.94 7.68 27.95
CA LYS A 129 0.35 6.56 27.28
C LYS A 129 -1.14 6.70 27.18
N GLN A 130 -1.78 6.99 28.29
CA GLN A 130 -3.20 7.06 28.23
C GLN A 130 -3.68 8.21 27.38
N LEU A 131 -2.99 9.35 27.45
CA LEU A 131 -3.32 10.49 26.60
C LEU A 131 -3.15 10.15 25.08
N LEU A 132 -2.07 9.51 24.74
CA LEU A 132 -1.83 9.10 23.34
C LEU A 132 -2.92 8.15 22.83
N LEU A 133 -3.34 7.23 23.67
CA LEU A 133 -4.34 6.27 23.33
C LEU A 133 -5.70 6.89 23.16
N LYS A 134 -5.99 7.91 23.98
CA LYS A 134 -7.19 8.68 23.80
C LYS A 134 -7.26 9.45 22.47
N ARG A 135 -6.16 10.09 22.15
CA ARG A 135 -6.04 10.77 20.90
C ARG A 135 -6.20 9.82 19.65
N LEU A 136 -5.56 8.69 19.77
CA LEU A 136 -5.71 7.58 18.77
C LEU A 136 -7.16 7.15 18.63
N GLU A 137 -7.81 6.89 19.75
CA GLU A 137 -9.22 6.54 19.72
C GLU A 137 -10.08 7.66 19.06
N THR A 138 -9.84 8.93 19.42
CA THR A 138 -10.58 10.01 18.81
C THR A 138 -10.40 10.18 17.25
N HIS A 139 -9.19 10.02 16.78
CA HIS A 139 -8.85 10.04 15.38
C HIS A 139 -9.63 8.96 14.62
N ILE A 140 -9.57 7.78 15.16
CA ILE A 140 -10.24 6.58 14.56
C ILE A 140 -11.71 6.75 14.57
N LYS A 141 -12.24 7.12 15.74
CA LYS A 141 -13.67 7.36 15.86
C LYS A 141 -14.18 8.32 14.85
N THR A 142 -13.55 9.46 14.67
CA THR A 142 -14.10 10.49 13.86
C THR A 142 -14.14 10.02 12.36
N ILE A 143 -13.07 9.37 11.97
CA ILE A 143 -12.96 8.81 10.59
C ILE A 143 -13.99 7.71 10.32
N VAL A 144 -14.09 6.74 11.20
CA VAL A 144 -14.93 5.59 10.98
C VAL A 144 -16.37 6.00 11.10
N GLU A 145 -16.67 6.91 12.04
CA GLU A 145 -18.07 7.42 12.07
C GLU A 145 -18.49 8.10 10.81
N ARG A 146 -17.59 8.73 10.08
CA ARG A 146 -17.93 9.38 8.87
C ARG A 146 -18.07 8.33 7.71
N TYR A 147 -17.20 7.32 7.65
CA TYR A 147 -17.06 6.44 6.45
C TYR A 147 -17.51 5.01 6.59
N LYS A 148 -17.97 4.63 7.75
CA LYS A 148 -18.31 3.21 7.99
C LYS A 148 -19.33 2.56 7.03
N ASP A 149 -20.23 3.36 6.46
CA ASP A 149 -21.24 2.87 5.53
C ASP A 149 -20.76 2.84 4.08
N ASP A 150 -19.61 3.43 3.78
CA ASP A 150 -19.13 3.59 2.39
C ASP A 150 -17.86 2.73 2.16
N ILE A 151 -17.04 2.54 3.19
CA ILE A 151 -15.68 1.94 3.09
C ILE A 151 -15.66 0.60 3.77
N LYS A 152 -15.48 -0.44 2.96
CA LYS A 152 -15.51 -1.77 3.51
C LYS A 152 -14.21 -2.23 4.15
N TYR A 153 -13.05 -1.87 3.59
CA TYR A 153 -11.77 -2.40 3.91
C TYR A 153 -10.89 -1.31 4.52
N TRP A 154 -10.33 -1.64 5.69
CA TRP A 154 -9.56 -0.70 6.48
C TRP A 154 -8.18 -1.16 6.80
N ASP A 155 -7.17 -0.41 6.39
CA ASP A 155 -5.76 -0.59 6.92
C ASP A 155 -5.74 0.10 8.29
N VAL A 156 -5.93 -0.65 9.34
CA VAL A 156 -6.02 -0.09 10.69
C VAL A 156 -4.63 0.33 11.20
N VAL A 157 -3.64 -0.55 10.99
CA VAL A 157 -2.23 -0.26 11.26
C VAL A 157 -1.37 -0.69 10.11
N ASN A 158 -0.30 0.03 9.94
CA ASN A 158 0.60 -0.06 8.80
C ASN A 158 2.02 -0.14 9.37
N GLN A 159 2.75 -1.18 8.95
CA GLN A 159 4.15 -1.34 9.21
C GLN A 159 4.53 -1.38 10.68
N VAL A 160 3.82 -2.14 11.49
CA VAL A 160 4.08 -2.13 12.92
C VAL A 160 5.13 -3.15 13.36
N VAL A 161 5.55 -4.00 12.43
CA VAL A 161 6.64 -4.96 12.73
C VAL A 161 7.88 -4.54 11.99
N GLY A 162 9.00 -4.55 12.70
CA GLY A 162 10.28 -4.28 12.15
C GLY A 162 10.85 -5.36 11.22
N ASP A 163 11.76 -4.90 10.38
CA ASP A 163 12.52 -5.81 9.50
C ASP A 163 13.42 -6.79 10.31
N ASP A 164 13.85 -6.36 11.51
CA ASP A 164 14.59 -7.24 12.43
C ASP A 164 13.68 -8.26 13.16
N GLY A 165 12.40 -8.22 12.89
CA GLY A 165 11.48 -9.17 13.47
C GLY A 165 11.05 -8.75 14.85
N LYS A 166 11.45 -7.56 15.30
CA LYS A 166 10.87 -7.04 16.55
C LYS A 166 9.75 -6.03 16.20
N LEU A 167 8.86 -5.69 17.16
CA LEU A 167 7.93 -4.54 16.91
C LEU A 167 8.69 -3.31 16.54
N ARG A 168 8.16 -2.56 15.56
CA ARG A 168 8.82 -1.38 15.12
C ARG A 168 8.79 -0.40 16.30
N ASN A 169 9.94 0.19 16.60
CA ASN A 169 10.09 1.00 17.84
C ASN A 169 9.80 2.42 17.52
N SER A 170 8.63 2.63 16.92
CA SER A 170 8.20 3.95 16.59
C SER A 170 7.71 4.67 17.88
N PRO A 171 7.44 5.96 17.76
CA PRO A 171 6.83 6.66 18.91
C PRO A 171 5.59 6.02 19.50
N TRP A 172 4.72 5.43 18.64
CA TRP A 172 3.53 4.72 19.09
C TRP A 172 3.93 3.63 20.08
N TYR A 173 4.98 2.89 19.69
CA TYR A 173 5.34 1.74 20.45
C TYR A 173 6.16 2.20 21.69
N GLN A 174 7.00 3.18 21.50
CA GLN A 174 7.86 3.67 22.61
C GLN A 174 6.98 4.28 23.67
N ILE A 175 5.95 5.02 23.28
CA ILE A 175 5.06 5.66 24.23
C ILE A 175 4.00 4.75 24.84
N ALA A 176 3.39 3.86 24.05
CA ALA A 176 2.25 3.16 24.47
C ALA A 176 2.36 1.65 24.50
N GLY A 177 3.49 1.15 23.99
CA GLY A 177 3.72 -0.27 23.93
C GLY A 177 2.69 -0.88 23.02
N ILE A 178 2.55 -2.18 23.12
CA ILE A 178 1.70 -2.95 22.18
C ILE A 178 0.23 -2.54 22.21
N ASP A 179 -0.20 -1.89 23.28
CA ASP A 179 -1.62 -1.62 23.40
C ASP A 179 -2.12 -0.67 22.26
N TYR A 180 -1.24 0.11 21.65
CA TYR A 180 -1.68 1.04 20.55
C TYR A 180 -2.31 0.24 19.42
N ILE A 181 -1.78 -0.97 19.17
CA ILE A 181 -2.30 -1.82 18.11
C ILE A 181 -3.64 -2.34 18.48
N LYS A 182 -3.78 -2.83 19.72
CA LYS A 182 -5.09 -3.36 20.16
C LYS A 182 -6.22 -2.31 20.19
N VAL A 183 -5.84 -1.12 20.67
CA VAL A 183 -6.76 0.01 20.82
C VAL A 183 -7.24 0.45 19.43
N ALA A 184 -6.34 0.47 18.47
CA ALA A 184 -6.68 0.89 17.11
C ALA A 184 -7.71 -0.07 16.51
N PHE A 185 -7.48 -1.37 16.61
CA PHE A 185 -8.46 -2.31 16.12
C PHE A 185 -9.79 -2.31 16.87
N GLN A 186 -9.71 -2.25 18.17
CA GLN A 186 -10.93 -2.22 19.00
C GLN A 186 -11.75 -0.96 18.73
N ALA A 187 -11.07 0.18 18.57
CA ALA A 187 -11.78 1.41 18.22
C ALA A 187 -12.46 1.29 16.85
N ALA A 188 -11.75 0.78 15.85
CA ALA A 188 -12.36 0.63 14.53
C ALA A 188 -13.59 -0.22 14.58
N ARG A 189 -13.50 -1.33 15.29
CA ARG A 189 -14.65 -2.20 15.42
C ARG A 189 -15.82 -1.56 16.17
N LYS A 190 -15.52 -0.87 17.25
CA LYS A 190 -16.55 -0.21 18.08
C LYS A 190 -17.40 0.80 17.29
N TYR A 191 -16.73 1.71 16.56
CA TYR A 191 -17.38 2.75 15.77
C TYR A 191 -17.81 2.38 14.40
N GLY A 192 -17.26 1.26 13.86
CA GLY A 192 -17.61 0.87 12.53
C GLY A 192 -18.53 -0.30 12.39
N GLY A 193 -18.65 -1.08 13.46
CA GLY A 193 -19.54 -2.23 13.44
C GLY A 193 -18.88 -3.43 12.84
N ASP A 194 -19.67 -4.48 12.73
CA ASP A 194 -19.14 -5.77 12.37
C ASP A 194 -18.95 -5.97 10.87
N ASN A 195 -19.52 -5.10 10.07
CA ASN A 195 -19.41 -5.29 8.66
C ASN A 195 -18.20 -4.60 7.94
N ILE A 196 -17.39 -3.84 8.66
CA ILE A 196 -16.16 -3.31 8.07
C ILE A 196 -15.10 -4.37 8.35
N LYS A 197 -14.11 -4.47 7.45
CA LYS A 197 -13.09 -5.49 7.56
C LYS A 197 -11.77 -4.84 7.85
N LEU A 198 -11.07 -5.34 8.90
CA LEU A 198 -9.92 -4.66 9.49
C LEU A 198 -8.63 -5.37 9.21
N TYR A 199 -7.63 -4.66 8.69
CA TYR A 199 -6.37 -5.26 8.25
C TYR A 199 -5.18 -4.68 8.95
N MET A 200 -4.18 -5.53 9.15
CA MET A 200 -2.83 -5.12 9.39
C MET A 200 -2.04 -5.22 8.09
N ASN A 201 -1.36 -4.13 7.71
CA ASN A 201 -0.73 -3.97 6.40
C ASN A 201 0.76 -3.88 6.67
N ASP A 202 1.58 -4.48 5.80
CA ASP A 202 3.01 -4.37 5.93
C ASP A 202 3.70 -4.79 4.62
N TYR A 203 4.96 -4.47 4.51
CA TYR A 203 5.82 -4.85 3.36
C TYR A 203 6.77 -5.95 3.80
N ASN A 204 7.31 -6.67 2.82
CA ASN A 204 8.32 -7.76 3.03
C ASN A 204 7.70 -8.72 4.00
N THR A 205 6.40 -8.92 3.79
CA THR A 205 5.65 -9.93 4.57
C THR A 205 6.09 -11.37 4.33
N GLU A 206 6.77 -11.59 3.21
CA GLU A 206 7.29 -12.90 2.82
C GLU A 206 8.65 -13.20 3.38
N VAL A 207 9.23 -12.24 4.07
CA VAL A 207 10.64 -12.31 4.43
C VAL A 207 10.85 -12.60 5.92
N GLU A 208 11.75 -13.53 6.25
CA GLU A 208 12.14 -13.74 7.66
C GLU A 208 13.26 -12.81 8.16
N PRO A 209 13.22 -12.50 9.46
CA PRO A 209 12.31 -12.95 10.55
C PRO A 209 10.93 -12.14 10.64
N LYS A 210 10.77 -11.15 9.76
CA LYS A 210 9.52 -10.31 9.77
C LYS A 210 8.24 -11.16 9.63
N ARG A 211 8.19 -12.08 8.66
CA ARG A 211 7.02 -12.92 8.43
C ARG A 211 6.51 -13.70 9.69
N THR A 212 7.41 -14.40 10.39
CA THR A 212 6.99 -15.17 11.55
C THR A 212 6.67 -14.23 12.70
N ALA A 213 7.38 -13.11 12.77
CA ALA A 213 7.06 -12.11 13.82
C ALA A 213 5.63 -11.54 13.60
N LEU A 214 5.30 -11.28 12.35
CA LEU A 214 3.92 -10.84 12.00
C LEU A 214 2.91 -11.91 12.34
N TYR A 215 3.19 -13.15 11.94
CA TYR A 215 2.32 -14.28 12.21
C TYR A 215 2.06 -14.49 13.74
N ASN A 216 3.12 -14.47 14.53
CA ASN A 216 3.01 -14.61 15.99
C ASN A 216 2.24 -13.44 16.62
N LEU A 217 2.52 -12.23 16.13
CA LEU A 217 1.81 -11.06 16.64
C LEU A 217 0.31 -11.18 16.42
N VAL A 218 -0.08 -11.44 15.18
N VAL A 218 -0.12 -11.45 15.18
CA VAL A 218 -1.47 -11.52 14.86
CA VAL A 218 -1.55 -11.51 14.93
C VAL A 218 -2.18 -12.70 15.57
C VAL A 218 -2.24 -12.74 15.53
N LYS A 219 -1.53 -13.87 15.61
CA LYS A 219 -2.10 -15.03 16.33
C LYS A 219 -2.42 -14.66 17.79
N GLN A 220 -1.51 -13.96 18.45
CA GLN A 220 -1.66 -13.56 19.88
C GLN A 220 -2.80 -12.55 20.04
N LEU A 221 -2.79 -11.54 19.17
CA LEU A 221 -3.86 -10.54 19.18
C LEU A 221 -5.24 -11.16 18.99
N LYS A 222 -5.38 -12.07 18.07
CA LYS A 222 -6.64 -12.72 17.87
C LYS A 222 -7.06 -13.62 19.06
N GLU A 223 -6.06 -14.29 19.65
CA GLU A 223 -6.28 -15.09 20.88
C GLU A 223 -6.80 -14.19 21.99
N GLU A 224 -6.26 -12.98 22.12
CA GLU A 224 -6.78 -12.04 23.08
C GLU A 224 -8.12 -11.33 22.72
N GLY A 225 -8.81 -11.75 21.66
CA GLY A 225 -10.07 -11.16 21.17
C GLY A 225 -9.88 -9.82 20.40
N VAL A 226 -8.65 -9.40 20.04
CA VAL A 226 -8.49 -8.17 19.16
C VAL A 226 -9.09 -8.48 17.80
N PRO A 227 -9.98 -7.58 17.28
CA PRO A 227 -10.62 -7.89 16.03
C PRO A 227 -9.71 -7.62 14.80
N ILE A 228 -9.18 -8.63 14.13
CA ILE A 228 -8.29 -8.40 12.95
C ILE A 228 -8.89 -9.38 11.93
N ASP A 229 -9.34 -8.90 10.75
CA ASP A 229 -9.91 -9.77 9.74
C ASP A 229 -8.89 -10.24 8.66
N GLY A 230 -7.81 -9.52 8.47
CA GLY A 230 -6.94 -9.84 7.35
C GLY A 230 -5.57 -9.21 7.47
N ILE A 231 -4.71 -9.61 6.52
CA ILE A 231 -3.38 -9.07 6.33
C ILE A 231 -3.30 -8.41 4.96
N GLY A 232 -2.82 -7.18 4.93
CA GLY A 232 -2.43 -6.46 3.67
C GLY A 232 -0.96 -6.68 3.37
N HIS A 233 -0.67 -7.33 2.27
CA HIS A 233 0.66 -7.51 1.78
C HIS A 233 0.97 -6.41 0.79
N GLN A 234 1.80 -5.46 1.20
CA GLN A 234 2.03 -4.29 0.34
C GLN A 234 2.57 -4.70 -1.04
N SER A 235 3.43 -5.70 -1.06
CA SER A 235 3.91 -6.25 -2.36
C SER A 235 4.62 -5.19 -3.22
N HIS A 236 5.53 -4.44 -2.61
CA HIS A 236 6.48 -3.64 -3.37
C HIS A 236 7.66 -4.53 -3.71
N ILE A 237 7.55 -5.17 -4.85
CA ILE A 237 8.45 -6.27 -5.19
C ILE A 237 9.27 -5.99 -6.43
N GLN A 238 10.13 -6.94 -6.75
CA GLN A 238 11.01 -6.83 -7.90
C GLN A 238 10.71 -7.92 -8.86
N ILE A 239 11.43 -7.88 -9.99
CA ILE A 239 11.22 -8.95 -11.04
C ILE A 239 11.58 -10.37 -10.46
N GLY A 240 12.70 -10.48 -9.77
CA GLY A 240 13.22 -11.79 -9.31
C GLY A 240 13.20 -12.01 -7.79
N TRP A 241 12.53 -11.13 -7.03
CA TRP A 241 12.48 -11.27 -5.60
C TRP A 241 11.24 -10.54 -5.11
N PRO A 242 10.50 -11.11 -4.14
CA PRO A 242 10.68 -12.46 -3.57
C PRO A 242 10.13 -13.50 -4.48
N SER A 243 10.50 -14.76 -4.25
CA SER A 243 10.04 -15.82 -5.14
C SER A 243 8.59 -16.03 -4.98
N GLU A 244 8.02 -16.54 -6.02
CA GLU A 244 6.63 -17.01 -5.95
C GLU A 244 6.41 -18.09 -4.91
N ALA A 245 7.41 -18.99 -4.73
CA ALA A 245 7.18 -19.99 -3.73
C ALA A 245 7.08 -19.30 -2.38
N GLU A 246 7.90 -18.28 -2.09
CA GLU A 246 7.85 -17.67 -0.75
C GLU A 246 6.56 -16.79 -0.55
N ILE A 247 6.04 -16.26 -1.66
CA ILE A 247 4.76 -15.58 -1.67
C ILE A 247 3.65 -16.52 -1.31
N GLU A 248 3.64 -17.69 -1.95
CA GLU A 248 2.67 -18.71 -1.68
C GLU A 248 2.63 -19.17 -0.24
N LYS A 249 3.82 -19.43 0.30
CA LYS A 249 3.97 -19.89 1.65
C LYS A 249 3.42 -18.85 2.65
N THR A 250 3.68 -17.58 2.33
CA THR A 250 3.23 -16.47 3.16
C THR A 250 1.70 -16.41 3.19
N ILE A 251 1.10 -16.35 2.01
CA ILE A 251 -0.34 -16.26 1.92
C ILE A 251 -0.96 -17.44 2.64
N ASN A 252 -0.43 -18.61 2.38
CA ASN A 252 -1.00 -19.78 3.00
C ASN A 252 -0.89 -19.74 4.52
N MET A 253 0.21 -19.26 5.04
CA MET A 253 0.39 -19.27 6.50
C MET A 253 -0.62 -18.35 7.15
N PHE A 254 -0.91 -17.17 6.54
CA PHE A 254 -1.92 -16.31 7.15
C PHE A 254 -3.30 -16.81 6.92
N ALA A 255 -3.61 -17.41 5.78
CA ALA A 255 -4.94 -17.88 5.60
C ALA A 255 -5.22 -19.03 6.58
N ALA A 256 -4.17 -19.73 7.03
CA ALA A 256 -4.37 -20.85 8.01
C ALA A 256 -4.74 -20.30 9.38
N LEU A 257 -4.49 -19.01 9.66
CA LEU A 257 -5.03 -18.38 10.87
C LEU A 257 -6.46 -17.90 10.76
N GLY A 258 -7.14 -18.13 9.64
CA GLY A 258 -8.48 -17.62 9.40
C GLY A 258 -8.48 -16.15 8.87
N LEU A 259 -7.34 -15.63 8.44
CA LEU A 259 -7.22 -14.26 7.92
C LEU A 259 -7.45 -14.18 6.40
N ASP A 260 -8.22 -13.18 5.96
CA ASP A 260 -8.17 -12.69 4.57
C ASP A 260 -6.78 -12.13 4.25
N ASN A 261 -6.41 -12.25 2.97
CA ASN A 261 -5.19 -11.66 2.45
C ASN A 261 -5.57 -10.67 1.30
N GLN A 262 -4.99 -9.47 1.32
CA GLN A 262 -5.13 -8.53 0.21
C GLN A 262 -3.74 -8.18 -0.21
N ILE A 263 -3.56 -8.08 -1.50
CA ILE A 263 -2.33 -7.55 -2.12
C ILE A 263 -2.55 -6.07 -2.30
N THR A 264 -2.04 -5.28 -1.36
CA THR A 264 -2.57 -3.91 -1.22
C THR A 264 -1.86 -2.80 -1.97
N GLU A 265 -0.59 -2.96 -2.31
CA GLU A 265 0.16 -1.89 -2.93
C GLU A 265 1.10 -2.43 -4.02
N LEU A 266 0.59 -3.26 -4.87
CA LEU A 266 1.48 -4.03 -5.80
C LEU A 266 2.15 -3.09 -6.80
N ASP A 267 3.46 -3.24 -6.91
CA ASP A 267 4.18 -2.73 -8.03
C ASP A 267 5.36 -3.64 -8.26
N VAL A 268 5.77 -3.78 -9.53
CA VAL A 268 6.92 -4.66 -9.87
C VAL A 268 7.98 -3.76 -10.52
N SER A 269 8.89 -3.33 -9.68
CA SER A 269 9.96 -2.46 -10.11
C SER A 269 10.87 -3.16 -11.15
N MET A 270 11.42 -2.34 -11.99
CA MET A 270 12.41 -2.78 -13.00
C MET A 270 13.75 -2.99 -12.31
N TYR A 271 13.87 -2.55 -11.05
CA TYR A 271 15.18 -2.46 -10.42
C TYR A 271 15.33 -3.34 -9.21
N GLY A 272 16.54 -3.36 -8.67
CA GLY A 272 16.86 -4.07 -7.45
C GLY A 272 16.83 -3.13 -6.26
N TRP A 273 17.67 -3.40 -5.27
CA TRP A 273 17.62 -2.67 -4.01
C TRP A 273 19.06 -2.56 -3.43
N PRO A 274 19.60 -1.35 -3.20
CA PRO A 274 19.03 -0.07 -3.60
C PRO A 274 19.00 0.04 -5.14
N PRO A 275 17.98 0.70 -5.69
CA PRO A 275 17.85 0.69 -7.16
C PRO A 275 18.90 1.58 -7.89
N ARG A 276 19.33 1.06 -9.03
CA ARG A 276 20.12 1.86 -9.97
C ARG A 276 19.24 2.03 -11.21
N ALA A 277 18.59 3.16 -11.28
CA ALA A 277 17.58 3.38 -12.29
C ALA A 277 18.13 3.99 -13.60
N TYR A 278 17.35 3.80 -14.67
CA TYR A 278 17.49 4.57 -15.90
C TYR A 278 16.96 5.95 -15.67
N PRO A 279 17.53 6.92 -16.39
CA PRO A 279 17.12 8.25 -16.15
C PRO A 279 15.77 8.66 -16.75
N THR A 280 15.34 7.96 -17.78
CA THR A 280 14.06 8.19 -18.43
C THR A 280 13.43 6.85 -18.75
N TYR A 281 12.13 6.91 -19.05
CA TYR A 281 11.41 5.74 -19.50
C TYR A 281 11.97 5.17 -20.79
N ASP A 282 12.30 6.08 -21.70
CA ASP A 282 12.79 5.74 -23.02
C ASP A 282 14.06 4.92 -22.99
N ALA A 283 14.85 5.09 -21.96
CA ALA A 283 16.16 4.38 -21.78
C ALA A 283 16.03 2.97 -21.31
N ILE A 284 14.81 2.57 -20.86
CA ILE A 284 14.64 1.24 -20.27
C ILE A 284 14.59 0.23 -21.45
N PRO A 285 15.47 -0.77 -21.46
CA PRO A 285 15.56 -1.63 -22.64
C PRO A 285 14.30 -2.48 -22.74
N LYS A 286 13.92 -2.82 -23.96
CA LYS A 286 12.75 -3.68 -24.21
C LYS A 286 12.79 -5.00 -23.46
N GLN A 287 13.97 -5.61 -23.32
CA GLN A 287 14.01 -6.90 -22.65
C GLN A 287 13.51 -6.80 -21.19
N LYS A 288 13.75 -5.68 -20.53
CA LYS A 288 13.18 -5.45 -19.16
C LYS A 288 11.64 -5.62 -19.11
N PHE A 289 10.95 -5.17 -20.12
CA PHE A 289 9.49 -5.32 -20.18
C PHE A 289 9.07 -6.77 -20.33
N LEU A 290 9.88 -7.55 -21.00
CA LEU A 290 9.59 -8.95 -21.18
C LEU A 290 9.83 -9.73 -19.92
N ASP A 291 10.91 -9.44 -19.20
CA ASP A 291 11.26 -10.04 -17.95
C ASP A 291 10.13 -9.71 -16.93
N GLN A 292 9.73 -8.44 -16.95
CA GLN A 292 8.58 -8.00 -16.13
C GLN A 292 7.31 -8.73 -16.48
N ALA A 293 7.02 -8.87 -17.76
CA ALA A 293 5.82 -9.56 -18.16
C ALA A 293 5.82 -11.02 -17.66
N ALA A 294 6.98 -11.70 -17.70
CA ALA A 294 7.02 -13.07 -17.26
C ALA A 294 6.81 -13.14 -15.74
N ARG A 295 7.37 -12.21 -14.98
CA ARG A 295 7.10 -12.13 -13.56
C ARG A 295 5.62 -11.95 -13.26
N TYR A 296 4.98 -10.99 -13.95
CA TYR A 296 3.52 -10.73 -13.79
C TYR A 296 2.70 -11.95 -14.17
N ASP A 297 3.11 -12.63 -15.24
CA ASP A 297 2.50 -13.94 -15.56
C ASP A 297 2.49 -14.93 -14.45
N ARG A 298 3.65 -15.20 -13.81
CA ARG A 298 3.77 -16.11 -12.76
C ARG A 298 3.03 -15.66 -11.47
N LEU A 299 3.06 -14.37 -11.26
CA LEU A 299 2.47 -13.81 -10.06
C LEU A 299 0.96 -13.94 -10.05
N PHE A 300 0.35 -13.54 -11.15
CA PHE A 300 -1.08 -13.61 -11.30
C PHE A 300 -1.61 -15.06 -11.41
N LYS A 301 -0.81 -15.93 -11.99
CA LYS A 301 -1.15 -17.35 -11.91
C LYS A 301 -1.20 -17.80 -10.49
N LEU A 302 -0.37 -17.34 -9.70
CA LEU A 302 -0.32 -17.71 -8.31
C LEU A 302 -1.49 -17.09 -7.52
N TYR A 303 -1.71 -15.86 -7.71
CA TYR A 303 -2.86 -15.22 -7.06
C TYR A 303 -4.15 -15.94 -7.42
N GLU A 304 -4.29 -16.27 -8.72
CA GLU A 304 -5.46 -17.15 -9.11
C GLU A 304 -5.51 -18.50 -8.37
N LYS A 305 -4.36 -19.16 -8.27
CA LYS A 305 -4.25 -20.43 -7.57
C LYS A 305 -4.76 -20.25 -6.14
N LEU A 306 -4.44 -19.11 -5.56
CA LEU A 306 -4.85 -18.78 -4.20
C LEU A 306 -6.08 -17.90 -4.06
N SER A 307 -6.97 -17.85 -5.06
CA SER A 307 -8.00 -16.83 -5.07
C SER A 307 -9.02 -17.00 -4.01
N ASP A 308 -9.09 -18.19 -3.44
CA ASP A 308 -10.01 -18.40 -2.35
C ASP A 308 -9.48 -17.82 -1.05
N LYS A 309 -8.25 -17.38 -1.05
CA LYS A 309 -7.60 -16.75 0.09
C LYS A 309 -7.29 -15.24 -0.05
N ILE A 310 -7.62 -14.71 -1.21
CA ILE A 310 -7.22 -13.36 -1.61
C ILE A 310 -8.49 -12.67 -2.09
N SER A 311 -8.90 -11.58 -1.42
CA SER A 311 -10.14 -10.87 -1.83
C SER A 311 -9.93 -9.67 -2.79
N ASN A 312 -8.69 -9.24 -2.88
CA ASN A 312 -8.29 -8.04 -3.61
C ASN A 312 -6.83 -8.02 -3.93
N VAL A 313 -6.56 -7.51 -5.13
CA VAL A 313 -5.23 -7.15 -5.62
C VAL A 313 -5.31 -5.71 -6.12
N THR A 314 -4.63 -4.82 -5.42
CA THR A 314 -4.55 -3.41 -5.74
C THR A 314 -3.15 -3.01 -6.17
N PHE A 315 -3.08 -2.32 -7.32
CA PHE A 315 -1.82 -1.72 -7.83
C PHE A 315 -1.61 -0.38 -7.19
N TRP A 316 -0.36 -0.05 -6.83
CA TRP A 316 -0.05 1.24 -6.19
C TRP A 316 0.11 2.35 -7.24
N GLY A 317 -0.91 2.49 -8.11
CA GLY A 317 -1.01 3.54 -9.12
C GLY A 317 -1.87 3.01 -10.25
N ILE A 318 -1.98 3.82 -11.28
CA ILE A 318 -2.86 3.55 -12.43
C ILE A 318 -1.98 3.13 -13.67
N ALA A 319 -1.06 4.04 -14.05
CA ALA A 319 -0.17 3.79 -15.16
C ALA A 319 1.20 4.34 -14.93
N ASP A 320 2.19 3.93 -15.74
CA ASP A 320 3.59 4.20 -15.49
C ASP A 320 4.03 5.69 -15.48
N ASN A 321 3.16 6.59 -15.91
CA ASN A 321 3.42 8.03 -15.81
C ASN A 321 3.40 8.58 -14.42
N HIS A 322 2.88 7.80 -13.49
CA HIS A 322 2.84 8.23 -12.09
C HIS A 322 3.00 7.03 -11.13
N THR A 323 4.12 7.01 -10.41
CA THR A 323 4.46 5.95 -9.44
C THR A 323 5.43 6.54 -8.41
N TRP A 324 5.16 6.27 -7.14
CA TRP A 324 6.03 6.65 -6.00
C TRP A 324 7.43 6.03 -6.16
N LEU A 325 7.54 4.98 -6.99
CA LEU A 325 8.84 4.34 -7.19
C LEU A 325 9.86 5.30 -7.89
N ASP A 326 9.38 6.31 -8.55
CA ASP A 326 10.29 7.31 -9.14
C ASP A 326 11.08 8.06 -8.10
N SER A 327 10.52 8.16 -6.86
CA SER A 327 11.16 8.84 -5.74
C SER A 327 12.36 8.01 -5.23
N ARG A 328 12.37 6.72 -5.54
CA ARG A 328 13.45 5.81 -5.20
C ARG A 328 14.36 5.51 -6.43
N ALA A 329 14.03 6.05 -7.61
CA ALA A 329 14.74 5.71 -8.83
C ALA A 329 16.03 6.54 -8.91
N ASP A 330 16.99 6.12 -8.12
CA ASP A 330 18.25 6.84 -8.04
C ASP A 330 19.04 6.57 -9.32
N VAL A 331 19.71 7.58 -9.88
CA VAL A 331 20.45 7.42 -11.12
C VAL A 331 21.96 7.63 -10.85
N TYR A 332 22.71 6.58 -11.15
CA TYR A 332 24.15 6.48 -10.90
C TYR A 332 24.87 6.85 -12.16
N TYR A 333 25.86 7.73 -12.01
CA TYR A 333 26.71 8.15 -13.16
C TYR A 333 28.17 7.83 -12.94
N ASP A 334 28.83 7.34 -13.96
CA ASP A 334 30.29 7.13 -13.92
C ASP A 334 31.04 8.49 -14.16
N ALA A 335 32.35 8.47 -14.01
CA ALA A 335 33.20 9.67 -14.13
C ALA A 335 33.00 10.38 -15.49
N ASN A 336 32.70 9.62 -16.53
CA ASN A 336 32.48 10.19 -17.84
C ASN A 336 31.03 10.65 -18.02
N GLY A 337 30.21 10.61 -16.97
CA GLY A 337 28.80 11.00 -17.05
C GLY A 337 27.86 10.00 -17.68
N ASN A 338 28.25 8.76 -17.94
CA ASN A 338 27.41 7.73 -18.46
C ASN A 338 26.61 7.07 -17.31
N VAL A 339 25.41 6.62 -17.62
CA VAL A 339 24.52 6.08 -16.60
C VAL A 339 25.03 4.69 -16.26
N VAL A 340 25.07 4.35 -14.96
CA VAL A 340 25.40 2.99 -14.49
C VAL A 340 24.18 2.28 -13.85
N VAL A 341 23.83 1.12 -14.36
CA VAL A 341 22.68 0.32 -13.83
C VAL A 341 23.13 -1.02 -13.28
N ASP A 342 24.23 -1.52 -13.43
CA ASP A 342 24.89 -2.65 -12.78
C ASP A 342 25.19 -2.34 -11.36
N PRO A 343 24.52 -3.21 -10.62
CA PRO A 343 24.63 -3.02 -9.14
C PRO A 343 26.02 -3.09 -8.55
N ASN A 344 26.94 -3.71 -9.22
CA ASN A 344 28.27 -3.67 -8.61
C ASN A 344 29.29 -2.70 -9.15
N ALA A 345 28.94 -2.03 -10.23
CA ALA A 345 29.94 -1.39 -11.08
C ALA A 345 30.38 -0.05 -10.52
N PRO A 346 31.56 0.44 -10.95
CA PRO A 346 32.03 1.77 -10.54
C PRO A 346 31.05 2.87 -10.91
N TYR A 347 31.03 3.87 -10.07
CA TYR A 347 30.35 5.08 -10.37
C TYR A 347 30.94 6.21 -9.55
N ALA A 348 30.63 7.44 -9.94
CA ALA A 348 31.14 8.62 -9.28
C ALA A 348 30.15 9.39 -8.51
N LYS A 349 28.85 9.60 -9.26
CA LYS A 349 27.85 10.28 -8.48
C LYS A 349 26.50 9.58 -8.52
N VAL A 350 25.61 10.01 -7.69
CA VAL A 350 24.24 9.51 -7.71
C VAL A 350 23.29 10.72 -7.70
N GLU A 351 22.27 10.69 -8.58
CA GLU A 351 21.20 11.66 -8.49
C GLU A 351 19.96 10.98 -7.94
N LYS A 352 19.66 11.31 -6.69
CA LYS A 352 18.64 10.55 -5.95
C LYS A 352 17.26 10.91 -6.41
N GLY A 353 16.45 9.91 -6.69
CA GLY A 353 15.04 10.16 -7.11
C GLY A 353 14.81 10.87 -8.40
N LYS A 354 15.77 10.83 -9.32
CA LYS A 354 15.65 11.51 -10.58
C LYS A 354 15.38 10.63 -11.78
N GLY A 355 15.35 9.31 -11.65
CA GLY A 355 15.14 8.42 -12.78
C GLY A 355 13.66 7.94 -12.84
N LYS A 356 13.48 6.87 -13.58
CA LYS A 356 12.15 6.46 -14.00
C LYS A 356 12.06 4.95 -13.79
N ASP A 357 11.07 4.52 -13.00
CA ASP A 357 10.64 3.16 -12.93
C ASP A 357 9.39 2.94 -13.81
N ALA A 358 9.05 1.69 -14.01
CA ALA A 358 7.97 1.31 -14.90
C ALA A 358 7.22 0.04 -14.37
N PRO A 359 6.44 0.19 -13.33
CA PRO A 359 5.98 -0.95 -12.55
C PRO A 359 4.66 -1.60 -12.85
N PHE A 360 3.83 -1.02 -13.71
CA PHE A 360 2.48 -1.44 -13.91
C PHE A 360 2.32 -2.28 -15.20
N VAL A 361 1.07 -2.63 -15.52
CA VAL A 361 0.73 -3.22 -16.82
C VAL A 361 0.32 -2.25 -17.89
N PHE A 362 0.23 -0.94 -17.54
CA PHE A 362 -0.14 0.12 -18.40
C PHE A 362 0.96 1.15 -18.48
N GLY A 363 1.32 1.47 -19.70
CA GLY A 363 2.46 2.37 -20.01
C GLY A 363 2.12 3.85 -19.71
N PRO A 364 3.12 4.70 -19.79
CA PRO A 364 2.90 6.13 -19.48
C PRO A 364 2.06 6.92 -20.46
N ASP A 365 1.89 6.34 -21.65
CA ASP A 365 0.99 6.83 -22.68
C ASP A 365 -0.31 6.09 -22.66
N TYR A 366 -0.61 5.39 -21.55
CA TYR A 366 -1.85 4.69 -21.42
C TYR A 366 -2.09 3.61 -22.45
N LYS A 367 -0.99 3.03 -22.94
CA LYS A 367 -1.15 1.91 -23.85
C LYS A 367 -0.66 0.68 -23.08
N VAL A 368 -1.20 -0.49 -23.43
CA VAL A 368 -0.90 -1.71 -22.70
C VAL A 368 0.52 -2.20 -22.95
N LYS A 369 1.11 -2.68 -21.90
CA LYS A 369 2.44 -3.25 -21.87
C LYS A 369 2.42 -4.80 -22.07
N PRO A 370 3.57 -5.39 -22.36
CA PRO A 370 3.59 -6.89 -22.42
C PRO A 370 3.07 -7.52 -21.11
N ALA A 371 3.36 -6.93 -19.95
CA ALA A 371 2.75 -7.42 -18.72
C ALA A 371 1.22 -7.50 -18.72
N TYR A 372 0.58 -6.54 -19.37
CA TYR A 372 -0.89 -6.58 -19.55
C TYR A 372 -1.37 -7.85 -20.27
N TRP A 373 -0.76 -8.12 -21.41
CA TRP A 373 -1.07 -9.34 -22.12
C TRP A 373 -0.84 -10.59 -21.27
N ALA A 374 0.24 -10.63 -20.51
CA ALA A 374 0.59 -11.72 -19.70
C ALA A 374 -0.45 -12.03 -18.61
N ILE A 375 -1.20 -11.01 -18.15
CA ILE A 375 -2.20 -11.24 -17.12
C ILE A 375 -3.64 -11.18 -17.55
N ILE A 376 -3.89 -10.74 -18.78
CA ILE A 376 -5.23 -10.72 -19.25
C ILE A 376 -5.60 -12.11 -19.89
N ASP A 377 -4.56 -12.91 -20.24
CA ASP A 377 -4.86 -14.20 -20.92
C ASP A 377 -5.24 -15.26 -19.88
N HIS A 378 -5.36 -16.49 -20.44
CA HIS A 378 -5.70 -17.58 -19.54
C HIS A 378 -4.67 -18.67 -19.68
N LYS A 379 -3.41 -18.27 -19.83
CA LYS A 379 -2.29 -19.20 -19.92
C LYS A 379 -1.31 -18.76 -18.87
O1 XYP B . 3.98 15.83 0.88
C1 XYP B . 4.34 14.59 0.23
C2 XYP B . 5.46 13.89 1.00
C3 XYP B . 5.95 12.72 0.12
C4 XYP B . 4.83 11.67 -0.03
C5 XYP B . 3.53 12.39 -0.47
O2 XYP B . 6.51 14.82 1.29
O3 XYP B . 7.18 12.17 0.62
O4 XYP B . 5.18 10.55 -0.95
O5 XYP B . 3.24 13.65 0.18
C1 XYP B . 4.33 9.42 -0.63
C2 XYP B . 3.96 8.62 -1.91
C3 XYP B . 3.17 7.32 -1.53
C4 XYP B . 3.89 6.53 -0.46
C5 XYP B . 4.17 7.43 0.75
O2 XYP B . 3.12 9.37 -2.83
O3 XYP B . 2.92 6.44 -2.63
O4 XYP B . 3.02 5.47 -0.13
O5 XYP B . 4.96 8.57 0.37
C1 XYP B . 3.63 4.55 0.80
C2 XYP B . 2.59 3.57 1.37
C3 XYP B . 3.42 2.72 2.36
C4 XYP B . 4.65 2.01 1.73
C5 XYP B . 4.82 2.51 0.31
O2 XYP B . 1.59 4.31 2.26
O3 XYP B . 2.42 2.01 3.15
O4 XYP B . 5.94 2.21 2.45
O5 XYP B . 4.81 3.94 0.22
C1 XYP B . 7.18 1.69 1.94
C2 XYP B . 8.29 2.03 2.92
C3 XYP B . 9.66 1.58 2.37
C4 XYP B . 9.67 0.11 1.89
C5 XYP B . 8.56 -0.06 0.94
O2 XYP B . 8.15 3.44 3.07
O3 XYP B . 10.69 1.65 3.37
O4 XYP B . 10.95 -0.21 1.36
O5 XYP B . 7.30 0.26 1.58
C1 XYP B . 11.47 -1.56 1.36
C2 XYP B . 11.85 -1.94 -0.07
C3 XYP B . 12.48 -3.32 -0.13
C4 XYP B . 13.61 -3.46 0.91
C5 XYP B . 13.19 -3.00 2.26
O2 XYP B . 10.65 -1.95 -0.84
O3 XYP B . 12.96 -3.69 -1.45
O4 XYP B . 13.68 -4.82 1.15
O5 XYP B . 12.58 -1.72 2.25
C1 XYP B . 14.73 -5.77 0.99
C2 XYP B . 15.47 -5.85 -0.37
C3 XYP B . 16.14 -7.21 -0.37
C4 XYP B . 16.94 -7.40 0.94
C5 XYP B . 16.19 -7.05 2.24
O2 XYP B . 14.64 -5.90 -1.55
O3 XYP B . 16.87 -7.37 -1.61
O4 XYP B . 17.30 -8.77 1.01
O5 XYP B . 15.62 -5.76 2.14
ZN ZN C . -0.83 -15.39 -18.03
ZN ZN D . -15.57 -2.67 -14.01
ZN ZN E . 3.95 3.57 -25.78
S SO4 F . -6.28 -16.74 -23.91
O1 SO4 F . -5.30 -16.32 -24.98
O2 SO4 F . -7.40 -17.58 -24.43
O3 SO4 F . -6.91 -15.47 -23.34
O4 SO4 F . -5.42 -17.54 -23.01
ZN ZN G . 11.05 10.56 -22.63
CL CL H . 5.46 3.52 -24.17
ZN ZN I . 1.69 9.55 -6.19
CL CL J . 3.47 9.22 -5.81
ZN ZN K . -11.02 -14.27 -3.85
#